data_7Q3M
#
_entry.id   7Q3M
#
_cell.length_a   50.440
_cell.length_b   67.423
_cell.length_c   116.781
_cell.angle_alpha   90.000
_cell.angle_beta   90.000
_cell.angle_gamma   90.000
#
_symmetry.space_group_name_H-M   'I 2 2 2'
#
loop_
_entity.id
_entity.type
_entity.pdbx_description
1 polymer 'Cholinephosphate cytidylyltransferase'
2 non-polymer Guanidinium
3 non-polymer (3S)-piperidin-3-ol
4 water water
#
_entity_poly.entity_id   1
_entity_poly.type   'polypeptide(L)'
_entity_poly.pdbx_seq_one_letter_code
;GHMAVPDDDDDDDNSNDESEYESSQMDSEKNKGSIKNSKNVVIYADGVYDMLHLGHMKQLEQAKKLFENTTLIVGVTSDN
ETKLFKGQVVQTLEERTETLKHIRWVDEIISPCPWVVTPEFLEKYKIDYVAHDDIPYANNQKEDIYAWLKRAGKFKATQR
TEGVSTTDLIVRILKNYEDY
;
_entity_poly.pdbx_strand_id   A
#
# COMPACT_ATOMS: atom_id res chain seq x y z
N SER A 38 0.34 -13.48 19.64
CA SER A 38 1.32 -14.56 19.62
C SER A 38 1.39 -15.21 18.24
N LYS A 39 0.25 -15.63 17.72
CA LYS A 39 0.18 -16.27 16.41
C LYS A 39 0.41 -15.24 15.30
N ASN A 40 1.34 -15.53 14.40
CA ASN A 40 1.69 -14.57 13.37
C ASN A 40 0.59 -14.43 12.31
N VAL A 41 0.16 -13.19 12.06
CA VAL A 41 -0.91 -12.91 11.11
C VAL A 41 -0.31 -12.26 9.87
N VAL A 42 -0.71 -12.73 8.70
CA VAL A 42 -0.18 -12.21 7.43
C VAL A 42 -1.14 -11.13 6.94
N ILE A 43 -0.62 -9.93 6.75
CA ILE A 43 -1.39 -8.77 6.30
C ILE A 43 -0.89 -8.38 4.92
N TYR A 44 -1.81 -8.03 4.03
CA TYR A 44 -1.45 -7.63 2.67
C TYR A 44 -2.01 -6.26 2.35
N ALA A 45 -1.16 -5.36 1.87
CA ALA A 45 -1.54 -4.00 1.52
C ALA A 45 -0.97 -3.70 0.15
N ASP A 46 -1.83 -3.51 -0.84
CA ASP A 46 -1.35 -3.19 -2.18
C ASP A 46 -1.62 -1.72 -2.49
N GLY A 47 -1.01 -1.25 -3.56
CA GLY A 47 -1.22 0.12 -4.01
C GLY A 47 -0.18 0.49 -5.05
N VAL A 48 -0.29 1.72 -5.53
CA VAL A 48 0.70 2.22 -6.47
C VAL A 48 1.96 2.68 -5.74
N TYR A 49 1.78 3.34 -4.60
CA TYR A 49 2.93 3.83 -3.83
C TYR A 49 3.81 4.73 -4.68
N ASP A 50 3.19 5.50 -5.56
CA ASP A 50 3.90 6.53 -6.31
C ASP A 50 4.19 7.70 -5.36
N MET A 51 5.43 8.22 -5.40
CA MET A 51 5.82 9.38 -4.61
C MET A 51 5.46 9.20 -3.13
N LEU A 52 6.09 8.17 -2.55
CA LEU A 52 5.80 7.79 -1.18
C LEU A 52 5.95 8.98 -0.25
N HIS A 53 4.92 9.21 0.57
CA HIS A 53 5.06 10.25 1.59
C HIS A 53 4.58 9.75 2.95
N LEU A 54 4.59 10.65 3.93
CA LEU A 54 4.29 10.30 5.30
C LEU A 54 2.90 9.69 5.43
N GLY A 55 1.95 10.12 4.60
CA GLY A 55 0.64 9.50 4.62
C GLY A 55 0.69 8.01 4.32
N HIS A 56 1.40 7.61 3.27
CA HIS A 56 1.58 6.18 2.99
C HIS A 56 2.23 5.48 4.18
N MET A 57 3.30 6.07 4.71
CA MET A 57 4.06 5.41 5.78
C MET A 57 3.20 5.19 7.00
N LYS A 58 2.44 6.20 7.41
CA LYS A 58 1.53 6.02 8.53
C LYS A 58 0.49 4.93 8.24
N GLN A 59 0.04 4.83 6.98
CA GLN A 59 -0.90 3.76 6.64
C GLN A 59 -0.24 2.39 6.70
N LEU A 60 1.02 2.30 6.27
CA LEU A 60 1.76 1.04 6.41
C LEU A 60 1.97 0.69 7.88
N GLU A 61 2.24 1.69 8.72
CA GLU A 61 2.39 1.42 10.16
C GLU A 61 1.10 0.89 10.76
N GLN A 62 -0.04 1.52 10.45
CA GLN A 62 -1.33 0.99 10.92
C GLN A 62 -1.52 -0.46 10.51
N ALA A 63 -1.27 -0.74 9.24
CA ALA A 63 -1.53 -2.10 8.77
C ALA A 63 -0.61 -3.08 9.48
N LYS A 64 0.65 -2.68 9.69
CA LYS A 64 1.64 -3.54 10.35
C LYS A 64 1.26 -3.82 11.80
N LYS A 65 0.61 -2.86 12.46
CA LYS A 65 0.28 -2.95 13.88
C LYS A 65 -1.18 -3.30 14.11
N LEU A 66 -1.87 -3.82 13.09
CA LEU A 66 -3.24 -4.30 13.31
C LEU A 66 -3.29 -5.38 14.37
N PHE A 67 -2.24 -6.20 14.47
CA PHE A 67 -2.17 -7.28 15.45
C PHE A 67 -0.78 -7.28 16.05
N GLU A 68 -0.65 -7.95 17.18
CA GLU A 68 0.61 -7.96 17.92
C GLU A 68 1.73 -8.54 17.09
N ASN A 69 1.46 -9.61 16.35
CA ASN A 69 2.46 -10.40 15.65
C ASN A 69 2.02 -10.49 14.19
N THR A 70 2.63 -9.71 13.31
CA THR A 70 2.23 -9.67 11.91
C THR A 70 3.42 -9.84 10.99
N THR A 71 3.11 -10.25 9.76
CA THR A 71 3.97 -10.11 8.60
C THR A 71 3.21 -9.21 7.63
N LEU A 72 3.75 -8.03 7.35
CA LEU A 72 3.10 -7.10 6.43
C LEU A 72 3.68 -7.30 5.04
N ILE A 73 2.86 -7.78 4.13
CA ILE A 73 3.22 -7.95 2.73
C ILE A 73 2.65 -6.77 1.97
N VAL A 74 3.46 -6.15 1.13
CA VAL A 74 3.02 -5.01 0.32
C VAL A 74 3.10 -5.40 -1.14
N GLY A 75 2.05 -5.05 -1.89
CA GLY A 75 1.98 -5.30 -3.32
C GLY A 75 2.12 -3.96 -4.03
N VAL A 76 3.00 -3.94 -5.03
CA VAL A 76 3.29 -2.73 -5.79
C VAL A 76 2.84 -2.96 -7.22
N THR A 77 1.90 -2.13 -7.70
CA THR A 77 1.30 -2.37 -9.02
C THR A 77 2.31 -2.09 -10.13
N SER A 78 2.17 -2.81 -11.24
CA SER A 78 3.05 -2.65 -12.38
C SER A 78 2.85 -1.28 -13.04
N ASP A 79 3.86 -0.84 -13.80
CA ASP A 79 3.74 0.43 -14.51
C ASP A 79 2.60 0.37 -15.52
N ASN A 80 2.56 -0.71 -16.32
CA ASN A 80 1.59 -0.79 -17.41
C ASN A 80 0.15 -0.74 -16.88
N GLU A 81 -0.14 -1.55 -15.86
CA GLU A 81 -1.51 -1.59 -15.35
C GLU A 81 -1.90 -0.29 -14.67
N THR A 82 -0.95 0.33 -13.97
CA THR A 82 -1.25 1.61 -13.33
C THR A 82 -1.57 2.66 -14.38
N LYS A 83 -0.67 2.84 -15.35
CA LYS A 83 -0.95 3.76 -16.46
C LYS A 83 -2.30 3.47 -17.08
N LEU A 84 -2.63 2.20 -17.25
CA LEU A 84 -3.83 1.87 -18.00
C LEU A 84 -5.10 2.09 -17.16
N PHE A 85 -5.07 1.70 -15.89
CA PHE A 85 -6.26 1.77 -15.04
C PHE A 85 -6.33 3.06 -14.22
N LYS A 86 -5.22 3.45 -13.59
CA LYS A 86 -5.19 4.73 -12.86
C LYS A 86 -5.00 5.89 -13.82
N GLY A 87 -4.12 5.73 -14.79
CA GLY A 87 -3.95 6.70 -15.85
C GLY A 87 -2.52 7.11 -16.08
N GLN A 88 -1.74 7.18 -14.99
CA GLN A 88 -0.39 7.70 -15.05
C GLN A 88 0.39 7.12 -13.88
N VAL A 89 1.69 7.35 -13.89
CA VAL A 89 2.57 6.96 -12.80
C VAL A 89 3.89 7.73 -12.96
N VAL A 90 4.37 8.32 -11.87
CA VAL A 90 5.56 9.18 -11.92
C VAL A 90 6.83 8.36 -11.80
N GLN A 91 6.89 7.46 -10.84
CA GLN A 91 8.06 6.63 -10.59
C GLN A 91 7.84 5.23 -11.13
N THR A 92 8.90 4.65 -11.67
CA THR A 92 8.88 3.28 -12.17
C THR A 92 8.64 2.29 -11.04
N LEU A 93 8.28 1.07 -11.41
CA LEU A 93 8.12 0.00 -10.43
C LEU A 93 9.37 -0.14 -9.56
N GLU A 94 10.55 -0.15 -10.18
CA GLU A 94 11.80 -0.30 -9.41
C GLU A 94 11.98 0.81 -8.39
N GLU A 95 11.71 2.07 -8.78
CA GLU A 95 11.81 3.19 -7.85
C GLU A 95 10.80 3.06 -6.72
N ARG A 96 9.56 2.69 -7.04
CA ARG A 96 8.54 2.61 -6.00
C ARG A 96 8.80 1.45 -5.06
N THR A 97 9.27 0.33 -5.60
CA THR A 97 9.60 -0.81 -4.76
C THR A 97 10.84 -0.52 -3.91
N GLU A 98 11.86 0.09 -4.49
CA GLU A 98 13.08 0.36 -3.75
C GLU A 98 12.83 1.31 -2.59
N THR A 99 11.93 2.29 -2.78
CA THR A 99 11.58 3.19 -1.68
C THR A 99 10.91 2.42 -0.54
N LEU A 100 9.94 1.55 -0.87
CA LEU A 100 9.22 0.80 0.16
C LEU A 100 10.15 -0.11 0.94
N LYS A 101 11.17 -0.63 0.27
CA LYS A 101 12.17 -1.44 0.93
C LYS A 101 12.82 -0.70 2.08
N HIS A 102 12.78 0.62 2.12
CA HIS A 102 13.40 1.32 3.22
C HIS A 102 12.44 1.56 4.37
N ILE A 103 11.18 1.14 4.25
CA ILE A 103 10.15 1.47 5.23
C ILE A 103 10.11 0.36 6.28
N ARG A 104 10.23 0.75 7.55
CA ARG A 104 10.35 -0.24 8.66
C ARG A 104 9.20 -1.24 8.74
N TRP A 105 7.98 -0.82 8.44
CA TRP A 105 6.86 -1.72 8.66
C TRP A 105 6.74 -2.79 7.60
N VAL A 106 7.44 -2.64 6.48
CA VAL A 106 7.26 -3.52 5.33
C VAL A 106 8.10 -4.77 5.54
N ASP A 107 7.45 -5.91 5.68
CA ASP A 107 8.22 -7.14 5.85
C ASP A 107 8.51 -7.83 4.51
N GLU A 108 7.59 -7.77 3.55
CA GLU A 108 7.80 -8.44 2.27
C GLU A 108 7.15 -7.63 1.16
N ILE A 109 7.69 -7.73 -0.04
CA ILE A 109 7.13 -6.98 -1.15
C ILE A 109 6.88 -7.94 -2.29
N ILE A 110 5.68 -7.85 -2.87
CA ILE A 110 5.33 -8.53 -4.11
C ILE A 110 5.30 -7.46 -5.19
N SER A 111 6.25 -7.49 -6.10
CA SER A 111 6.41 -6.41 -7.06
C SER A 111 6.81 -6.98 -8.41
N PRO A 112 5.97 -6.87 -9.45
CA PRO A 112 4.63 -6.25 -9.36
C PRO A 112 3.63 -7.18 -8.69
N CYS A 113 2.57 -6.62 -8.16
CA CYS A 113 1.45 -7.35 -7.61
C CYS A 113 0.31 -7.41 -8.62
N PRO A 114 -0.66 -8.30 -8.43
CA PRO A 114 -1.80 -8.32 -9.33
C PRO A 114 -2.63 -7.05 -9.16
N TRP A 115 -3.22 -6.58 -10.26
CA TRP A 115 -4.10 -5.42 -10.11
C TRP A 115 -5.35 -5.78 -9.30
N VAL A 116 -5.87 -6.99 -9.48
CA VAL A 116 -7.05 -7.48 -8.76
C VAL A 116 -6.60 -8.59 -7.81
N VAL A 117 -6.84 -8.42 -6.52
CA VAL A 117 -6.71 -9.52 -5.59
C VAL A 117 -7.80 -10.54 -5.88
N THR A 118 -7.42 -11.82 -5.86
CA THR A 118 -8.32 -12.95 -5.99
C THR A 118 -8.15 -13.88 -4.79
N PRO A 119 -9.15 -14.73 -4.51
CA PRO A 119 -8.98 -15.71 -3.43
C PRO A 119 -7.80 -16.64 -3.66
N GLU A 120 -7.56 -17.03 -4.91
CA GLU A 120 -6.40 -17.86 -5.22
C GLU A 120 -5.11 -17.17 -4.78
N PHE A 121 -4.98 -15.88 -5.11
CA PHE A 121 -3.82 -15.10 -4.67
C PHE A 121 -3.68 -15.15 -3.15
N LEU A 122 -4.79 -14.96 -2.43
CA LEU A 122 -4.72 -14.95 -0.97
C LEU A 122 -4.25 -16.30 -0.44
N GLU A 123 -4.73 -17.39 -1.06
CA GLU A 123 -4.31 -18.74 -0.69
C GLU A 123 -2.82 -18.94 -0.93
N LYS A 124 -2.31 -18.51 -2.09
CA LYS A 124 -0.93 -18.80 -2.45
C LYS A 124 0.05 -18.18 -1.46
N TYR A 125 -0.21 -16.96 -1.02
CA TYR A 125 0.67 -16.27 -0.09
C TYR A 125 0.20 -16.38 1.35
N LYS A 126 -0.83 -17.17 1.61
CA LYS A 126 -1.32 -17.42 2.97
C LYS A 126 -1.64 -16.09 3.67
N ILE A 127 -2.42 -15.26 2.99
CA ILE A 127 -2.76 -13.93 3.49
C ILE A 127 -3.98 -14.03 4.40
N ASP A 128 -3.87 -13.44 5.58
CA ASP A 128 -4.99 -13.46 6.51
C ASP A 128 -5.89 -12.25 6.34
N TYR A 129 -5.32 -11.07 6.06
CA TYR A 129 -6.11 -9.86 5.94
C TYR A 129 -5.57 -9.00 4.80
N VAL A 130 -6.47 -8.24 4.20
CA VAL A 130 -6.15 -7.23 3.20
C VAL A 130 -6.46 -5.89 3.85
N ALA A 131 -5.43 -5.07 4.03
CA ALA A 131 -5.57 -3.73 4.59
C ALA A 131 -5.74 -2.74 3.44
N HIS A 132 -6.73 -1.86 3.57
CA HIS A 132 -6.96 -0.82 2.57
C HIS A 132 -7.56 0.40 3.26
N ASP A 133 -7.52 1.54 2.57
CA ASP A 133 -8.15 2.74 3.12
C ASP A 133 -9.64 2.78 2.77
N ASP A 144 -19.38 -2.92 -3.09
CA ASP A 144 -17.93 -2.76 -3.13
C ASP A 144 -17.25 -3.86 -3.92
N ILE A 145 -16.28 -3.45 -4.74
CA ILE A 145 -15.31 -4.40 -5.30
C ILE A 145 -14.68 -5.22 -4.17
N TYR A 146 -14.55 -4.64 -2.98
CA TYR A 146 -13.97 -5.29 -1.82
C TYR A 146 -15.01 -5.99 -0.94
N ALA A 147 -16.25 -6.15 -1.42
CA ALA A 147 -17.31 -6.73 -0.59
C ALA A 147 -17.01 -8.19 -0.24
N TRP A 148 -16.53 -8.98 -1.20
CA TRP A 148 -16.22 -10.38 -0.92
C TRP A 148 -15.15 -10.52 0.17
N LEU A 149 -14.25 -9.54 0.29
CA LEU A 149 -13.25 -9.60 1.36
C LEU A 149 -13.88 -9.33 2.72
N LYS A 150 -14.80 -8.38 2.79
CA LYS A 150 -15.46 -8.13 4.06
C LYS A 150 -16.27 -9.34 4.49
N ARG A 151 -16.95 -9.96 3.53
CA ARG A 151 -17.82 -11.14 3.80
C ARG A 151 -16.98 -12.27 4.38
N ALA A 152 -15.73 -12.36 3.96
CA ALA A 152 -14.84 -13.37 4.49
C ALA A 152 -14.07 -12.91 5.72
N GLY A 153 -14.34 -11.70 6.20
CA GLY A 153 -13.65 -11.19 7.37
C GLY A 153 -12.20 -10.85 7.13
N LYS A 154 -11.81 -10.70 5.88
CA LYS A 154 -10.43 -10.43 5.56
C LYS A 154 -10.14 -8.95 5.36
N PHE A 155 -11.16 -8.09 5.42
CA PHE A 155 -10.96 -6.69 5.10
C PHE A 155 -10.63 -5.90 6.36
N LYS A 156 -9.65 -5.01 6.25
CA LYS A 156 -9.19 -4.17 7.34
C LYS A 156 -8.89 -2.77 6.80
N ALA A 157 -9.55 -1.77 7.37
CA ALA A 157 -9.37 -0.40 6.92
C ALA A 157 -8.19 0.27 7.60
N THR A 158 -7.45 1.08 6.84
CA THR A 158 -6.42 1.97 7.36
C THR A 158 -6.71 3.39 6.89
N GLN A 159 -6.44 4.37 7.76
CA GLN A 159 -6.88 5.74 7.56
C GLN A 159 -5.75 6.59 6.98
N ARG A 160 -6.13 7.74 6.42
CA ARG A 160 -5.20 8.62 5.72
C ARG A 160 -4.76 9.77 6.62
N THR A 161 -3.67 10.42 6.19
CA THR A 161 -3.18 11.66 6.76
C THR A 161 -2.95 12.64 5.63
N GLU A 162 -3.41 13.88 5.80
CA GLU A 162 -3.34 14.89 4.76
C GLU A 162 -2.37 15.99 5.15
N GLY A 163 -1.84 16.67 4.12
CA GLY A 163 -0.95 17.80 4.32
C GLY A 163 0.52 17.48 4.34
N VAL A 164 0.92 16.27 3.95
CA VAL A 164 2.31 15.83 4.10
C VAL A 164 2.89 15.37 2.77
N SER A 165 2.17 15.62 1.68
CA SER A 165 2.56 15.10 0.37
C SER A 165 3.61 15.99 -0.30
N THR A 166 4.13 15.49 -1.42
CA THR A 166 4.99 16.30 -2.28
C THR A 166 4.30 17.59 -2.67
N THR A 167 3.06 17.50 -3.12
CA THR A 167 2.32 18.71 -3.50
C THR A 167 2.22 19.66 -2.32
N ASP A 168 1.91 19.12 -1.14
CA ASP A 168 1.84 19.96 0.06
C ASP A 168 3.13 20.71 0.28
N LEU A 169 4.27 20.08 -0.02
CA LEU A 169 5.55 20.70 0.27
C LEU A 169 5.97 21.70 -0.80
N ILE A 170 5.64 21.43 -2.07
CA ILE A 170 5.88 22.42 -3.12
C ILE A 170 5.08 23.68 -2.86
N VAL A 171 3.79 23.53 -2.53
CA VAL A 171 2.98 24.68 -2.16
C VAL A 171 3.65 25.45 -1.04
N ARG A 172 4.15 24.74 -0.04
CA ARG A 172 4.78 25.41 1.09
C ARG A 172 6.01 26.21 0.66
N ILE A 173 6.78 25.68 -0.30
CA ILE A 173 7.96 26.39 -0.80
C ILE A 173 7.55 27.60 -1.63
N LEU A 174 6.67 27.40 -2.63
CA LEU A 174 6.29 28.48 -3.53
C LEU A 174 5.54 29.60 -2.82
N LYS A 175 4.79 29.29 -1.75
CA LYS A 175 4.17 30.35 -0.96
C LYS A 175 5.21 31.35 -0.45
N ASN A 176 6.47 30.95 -0.42
CA ASN A 176 7.57 31.84 -0.05
C ASN A 176 7.90 32.84 -1.16
N TYR A 177 7.43 32.61 -2.40
CA TYR A 177 7.90 33.41 -3.54
C TYR A 177 6.77 34.06 -4.33
N GLU A 178 5.61 33.42 -4.46
CA GLU A 178 4.47 34.01 -5.18
C GLU A 178 3.59 34.82 -4.23
#